data_7NE6
#
_entry.id   7NE6
#
_cell.length_a   47.858
_cell.length_b   87.943
_cell.length_c   261.988
_cell.angle_alpha   90.000
_cell.angle_beta   90.000
_cell.angle_gamma   90.000
#
_symmetry.space_group_name_H-M   'C 2 2 21'
#
loop_
_entity.id
_entity.type
_entity.pdbx_description
1 polymer 'Methylcytosine dioxygenase TET2'
2 polymer "DNA (5'-D(*AP*CP*AP*GP*GP*(5CM)P*GP*CP*CP*TP*G)-3')"
3 non-polymer 'ZINC ION'
4 non-polymer N-OXALYLGLYCINE
5 non-polymer 1,2-ETHANEDIOL
6 non-polymer '2-(N-MORPHOLINO)-ETHANESULFONIC ACID'
7 non-polymer 'MANGANESE (II) ION'
8 water water
#
loop_
_entity_poly.entity_id
_entity_poly.type
_entity_poly.pdbx_seq_one_letter_code
_entity_poly.pdbx_strand_id
1 'polypeptide(L)'
;GGSDFPSCRCVEQIIEKDEGPFYTHLGAGPNVAAIREIMEERFGQKGKAIRIERVIYTGKEGKSSQGCPIAKWVVRRSSS
EEKLLCLVRERAGHTCEAAVIVILILVWEGIPLSLADKLYSELTETLRKYGTLTNRRCALNEERTCACQGLDPETCGASF
SFGCSWSMYYNGCKFARSKIPRKFKLLGDDPKEEEKLESHLQNLSTLMAPTYKKLAPDAYNNQIEYEHRAPECRLGLKEG
RPFSGVTACLDFCAHAHRDLHNMQNGSTLVCTLTREDNREFGGKPEDEQLHVLPLYKVSDVDEFGSVEAQEEKKRSGAIQ
VLSSFRRKVRMLAEPVKTCRQRKLEAKKAAAEKLSGGGGSGGGGSGGGGSDEVWSDSEQSFLDPDIGGVAVAPTHGSILI
ECAKRELHATTPLKNPNRNHPTRISLVFYQHKSMNEPKHGLALWEAKMAEKAREKEEECEKYG
;
A
2 'polydeoxyribonucleotide' (DA)(DC)(DA)(DG)(DG)(5CM)(DG)(DC)(DC)(DT)(DG)(DT) B,C
#
# COMPACT_ATOMS: atom_id res chain seq x y z
N SER A 7 18.65 -6.15 19.85
CA SER A 7 19.92 -6.62 19.29
C SER A 7 20.97 -5.53 19.34
N CYS A 8 20.79 -4.56 20.24
CA CYS A 8 21.72 -3.44 20.36
C CYS A 8 21.72 -2.93 21.79
N ARG A 9 22.83 -2.30 22.16
CA ARG A 9 22.97 -1.74 23.51
C ARG A 9 23.10 -0.23 23.45
N CYS A 10 22.22 0.43 22.71
CA CYS A 10 22.22 1.88 22.59
C CYS A 10 21.44 2.52 23.74
N GLU A 16 13.46 0.96 23.40
CA GLU A 16 12.75 1.34 22.18
C GLU A 16 11.25 1.45 22.42
N LYS A 17 10.68 2.62 22.09
CA LYS A 17 9.26 2.89 22.28
C LYS A 17 8.68 3.65 21.09
N ASP A 18 8.71 4.98 21.15
CA ASP A 18 8.14 5.84 20.12
C ASP A 18 9.21 6.42 19.20
N GLU A 19 10.24 5.64 18.90
CA GLU A 19 11.16 5.94 17.81
C GLU A 19 10.64 5.46 16.46
N GLY A 20 9.39 4.99 16.42
CA GLY A 20 8.85 4.34 15.26
C GLY A 20 8.94 2.83 15.40
N PRO A 21 8.15 2.10 14.61
CA PRO A 21 8.26 0.63 14.62
C PRO A 21 9.63 0.19 14.14
N PHE A 22 10.18 -0.82 14.80
CA PHE A 22 11.51 -1.33 14.46
C PHE A 22 11.40 -2.61 13.64
N TYR A 23 12.03 -2.61 12.47
CA TYR A 23 12.12 -3.78 11.62
C TYR A 23 13.25 -3.55 10.63
N THR A 24 13.79 -4.64 10.08
CA THR A 24 14.93 -4.55 9.18
C THR A 24 14.72 -5.26 7.85
N HIS A 25 13.58 -5.92 7.64
CA HIS A 25 13.42 -6.78 6.48
C HIS A 25 13.29 -6.00 5.16
N LEU A 26 13.22 -4.66 5.22
CA LEU A 26 13.38 -3.85 4.02
C LEU A 26 14.80 -3.34 3.85
N GLY A 27 15.55 -3.23 4.94
CA GLY A 27 16.93 -2.79 4.89
C GLY A 27 17.35 -2.05 6.13
N ALA A 28 18.58 -2.28 6.59
CA ALA A 28 19.10 -1.61 7.77
C ALA A 28 20.60 -1.42 7.62
N GLY A 29 21.14 -0.47 8.37
CA GLY A 29 22.54 -0.15 8.32
C GLY A 29 22.93 0.89 9.36
N PRO A 30 24.24 1.04 9.60
CA PRO A 30 24.68 1.98 10.62
C PRO A 30 24.47 3.44 10.25
N ASN A 31 24.37 3.78 8.97
CA ASN A 31 24.18 5.17 8.55
C ASN A 31 23.51 5.17 7.19
N VAL A 32 23.19 6.39 6.71
CA VAL A 32 22.51 6.54 5.43
C VAL A 32 23.41 6.09 4.29
N ALA A 33 24.72 6.34 4.41
CA ALA A 33 25.66 5.93 3.37
C ALA A 33 25.66 4.42 3.19
N ALA A 34 25.53 3.68 4.31
CA ALA A 34 25.44 2.23 4.20
C ALA A 34 24.18 1.81 3.45
N ILE A 35 23.08 2.52 3.65
CA ILE A 35 21.85 2.22 2.92
C ILE A 35 22.06 2.38 1.43
N ARG A 36 22.80 3.41 1.02
CA ARG A 36 23.06 3.61 -0.41
C ARG A 36 23.86 2.45 -0.99
N GLU A 37 24.87 1.98 -0.25
CA GLU A 37 25.64 0.82 -0.72
C GLU A 37 24.76 -0.39 -0.91
N ILE A 38 23.81 -0.61 0.00
CA ILE A 38 22.87 -1.72 -0.14
C ILE A 38 22.00 -1.52 -1.37
N MET A 39 21.36 -0.35 -1.48
CA MET A 39 20.43 -0.11 -2.58
C MET A 39 21.14 -0.07 -3.92
N GLU A 40 22.39 0.40 -3.95
CA GLU A 40 23.16 0.35 -5.19
C GLU A 40 23.46 -1.09 -5.59
N GLU A 41 23.75 -1.95 -4.61
CA GLU A 41 24.04 -3.35 -4.91
C GLU A 41 22.78 -4.09 -5.34
N ARG A 42 21.65 -3.79 -4.71
CA ARG A 42 20.39 -4.44 -5.07
C ARG A 42 19.92 -4.01 -6.46
N PHE A 43 19.83 -2.70 -6.68
CA PHE A 43 19.29 -2.19 -7.93
C PHE A 43 20.24 -2.40 -9.11
N GLY A 44 21.54 -2.48 -8.85
CA GLY A 44 22.51 -2.69 -9.90
C GLY A 44 23.09 -1.43 -10.50
N GLN A 45 22.75 -0.26 -9.97
CA GLN A 45 23.24 1.01 -10.47
C GLN A 45 23.73 1.86 -9.30
N LYS A 46 24.50 2.90 -9.62
CA LYS A 46 25.02 3.82 -8.63
C LYS A 46 24.67 5.24 -9.03
N GLY A 47 24.86 6.17 -8.10
CA GLY A 47 24.69 7.58 -8.40
C GLY A 47 23.27 8.09 -8.24
N LYS A 48 22.84 8.95 -9.16
CA LYS A 48 21.56 9.63 -9.05
C LYS A 48 20.37 8.73 -9.39
N ALA A 49 20.60 7.51 -9.86
CA ALA A 49 19.50 6.59 -10.09
C ALA A 49 18.79 6.24 -8.80
N ILE A 50 19.52 6.22 -7.69
CA ILE A 50 18.96 5.98 -6.37
C ILE A 50 18.84 7.31 -5.65
N ARG A 51 17.66 7.58 -5.09
CA ARG A 51 17.42 8.76 -4.28
C ARG A 51 16.94 8.31 -2.90
N ILE A 52 17.56 8.88 -1.87
CA ILE A 52 17.23 8.54 -0.49
C ILE A 52 16.77 9.81 0.21
N GLU A 53 15.64 9.71 0.92
CA GLU A 53 15.12 10.81 1.72
C GLU A 53 15.03 10.38 3.17
N ARG A 54 15.55 11.24 4.06
CA ARG A 54 15.38 11.01 5.50
C ARG A 54 14.02 11.52 5.94
N VAL A 55 13.26 10.66 6.61
CA VAL A 55 11.97 11.02 7.18
C VAL A 55 12.03 10.83 8.68
N ILE A 56 11.42 11.76 9.43
CA ILE A 56 11.47 11.77 10.88
C ILE A 56 10.13 11.30 11.42
N TYR A 57 10.16 10.31 12.30
CA TYR A 57 8.94 9.81 12.94
C TYR A 57 8.57 10.73 14.10
N THR A 58 7.35 11.26 14.06
CA THR A 58 6.88 12.15 15.11
C THR A 58 5.71 11.58 15.91
N GLY A 59 5.01 10.57 15.39
CA GLY A 59 3.89 9.99 16.09
C GLY A 59 2.65 10.84 16.17
N LYS A 60 2.63 12.01 15.53
CA LYS A 60 1.48 12.91 15.51
C LYS A 60 0.86 12.85 14.11
N GLU A 61 -0.35 12.31 14.03
CA GLU A 61 -0.95 11.97 12.75
C GLU A 61 -1.54 13.19 12.07
N GLY A 62 -1.13 13.42 10.82
CA GLY A 62 -1.71 14.49 10.03
C GLY A 62 -3.06 14.08 9.49
N LYS A 63 -4.06 14.92 9.71
CA LYS A 63 -5.42 14.62 9.26
C LYS A 63 -6.19 15.92 9.13
N SER A 64 -7.26 15.86 8.35
CA SER A 64 -8.15 17.00 8.19
C SER A 64 -9.05 17.16 9.42
N SER A 65 -9.80 18.25 9.45
CA SER A 65 -10.71 18.50 10.58
C SER A 65 -11.80 17.44 10.69
N GLN A 66 -12.08 16.71 9.61
CA GLN A 66 -13.01 15.59 9.63
C GLN A 66 -12.30 14.26 9.87
N GLY A 67 -10.98 14.27 10.02
CA GLY A 67 -10.24 13.04 10.28
C GLY A 67 -9.88 12.25 9.06
N CYS A 68 -9.71 12.91 7.92
CA CYS A 68 -9.45 12.26 6.65
C CYS A 68 -8.02 12.54 6.18
N PRO A 69 -7.46 11.68 5.32
CA PRO A 69 -6.03 11.79 4.99
C PRO A 69 -5.67 13.11 4.35
N ILE A 70 -4.54 13.68 4.80
CA ILE A 70 -3.96 14.87 4.20
C ILE A 70 -2.48 14.62 3.98
N ALA A 71 -1.89 15.39 3.07
CA ALA A 71 -0.45 15.41 2.87
C ALA A 71 0.09 16.79 3.23
N LYS A 72 1.26 16.82 3.85
CA LYS A 72 1.95 18.07 4.13
C LYS A 72 3.19 18.27 3.27
N TRP A 73 3.85 17.18 2.87
CA TRP A 73 4.98 17.22 1.95
C TRP A 73 4.79 16.12 0.93
N VAL A 74 5.13 16.40 -0.33
CA VAL A 74 4.97 15.45 -1.42
C VAL A 74 6.34 15.20 -2.03
N VAL A 75 6.85 13.98 -1.87
CA VAL A 75 8.07 13.55 -2.52
C VAL A 75 7.73 13.14 -3.95
N ARG A 76 8.26 13.88 -4.92
CA ARG A 76 7.99 13.64 -6.32
C ARG A 76 9.27 13.25 -7.04
N ARG A 77 9.12 12.43 -8.07
CA ARG A 77 10.27 12.01 -8.88
C ARG A 77 10.98 13.22 -9.44
N SER A 78 12.27 13.34 -9.11
CA SER A 78 13.03 14.55 -9.46
C SER A 78 13.24 14.65 -10.97
N SER A 79 13.61 13.55 -11.61
CA SER A 79 13.92 13.57 -13.03
C SER A 79 13.76 12.16 -13.57
N SER A 80 13.87 12.04 -14.90
CA SER A 80 13.84 10.73 -15.53
C SER A 80 15.03 9.87 -15.14
N GLU A 81 16.12 10.49 -14.67
CA GLU A 81 17.29 9.73 -14.22
C GLU A 81 17.09 9.09 -12.86
N GLU A 82 16.15 9.57 -12.06
CA GLU A 82 15.84 8.96 -10.78
C GLU A 82 15.02 7.71 -11.00
N LYS A 83 15.59 6.56 -10.65
CA LYS A 83 14.94 5.26 -10.86
C LYS A 83 14.45 4.61 -9.58
N LEU A 84 15.10 4.87 -8.45
CA LEU A 84 14.76 4.22 -7.18
C LEU A 84 14.69 5.28 -6.08
N LEU A 85 13.54 5.35 -5.41
CA LEU A 85 13.33 6.24 -4.28
C LEU A 85 13.30 5.41 -3.01
N CYS A 86 14.02 5.85 -1.98
CA CYS A 86 14.11 5.14 -0.71
CA CYS A 86 14.12 5.14 -0.72
C CYS A 86 13.88 6.12 0.43
N LEU A 87 12.89 5.82 1.25
CA LEU A 87 12.65 6.57 2.48
C LEU A 87 13.27 5.82 3.64
N VAL A 88 14.12 6.51 4.41
CA VAL A 88 14.83 5.88 5.52
C VAL A 88 14.52 6.65 6.80
N ARG A 89 14.58 5.93 7.92
CA ARG A 89 14.35 6.51 9.24
C ARG A 89 15.61 6.32 10.07
N GLU A 90 16.19 7.42 10.53
CA GLU A 90 17.29 7.37 11.49
C GLU A 90 16.70 7.27 12.89
N ARG A 91 16.82 6.09 13.50
CA ARG A 91 16.30 5.90 14.85
C ARG A 91 17.06 6.78 15.83
N ALA A 92 16.34 7.65 16.52
CA ALA A 92 16.95 8.63 17.40
C ALA A 92 17.73 7.95 18.52
N GLY A 93 18.99 8.35 18.69
CA GLY A 93 19.81 7.82 19.76
C GLY A 93 20.35 6.43 19.53
N HIS A 94 20.59 6.03 18.28
CA HIS A 94 21.08 4.71 17.95
C HIS A 94 22.41 4.82 17.21
N THR A 95 23.40 4.05 17.65
CA THR A 95 24.70 3.96 17.00
C THR A 95 25.04 2.52 16.59
N CYS A 96 24.04 1.64 16.57
CA CYS A 96 24.27 0.23 16.27
C CYS A 96 24.31 0.02 14.75
N GLU A 97 24.28 -1.23 14.32
CA GLU A 97 24.30 -1.58 12.91
C GLU A 97 22.92 -1.54 12.27
N ALA A 98 21.87 -1.26 13.05
CA ALA A 98 20.53 -1.07 12.53
C ALA A 98 19.98 0.31 12.90
N ALA A 99 20.89 1.29 13.05
CA ALA A 99 20.47 2.63 13.46
C ALA A 99 19.60 3.31 12.42
N VAL A 100 19.80 2.98 11.14
CA VAL A 100 19.00 3.50 10.04
C VAL A 100 18.31 2.33 9.36
N ILE A 101 16.99 2.41 9.25
CA ILE A 101 16.21 1.36 8.61
C ILE A 101 15.47 1.94 7.41
N VAL A 102 15.14 1.05 6.47
CA VAL A 102 14.38 1.40 5.29
C VAL A 102 12.90 1.17 5.57
N ILE A 103 12.07 2.14 5.21
CA ILE A 103 10.63 2.03 5.43
C ILE A 103 9.82 2.12 4.15
N LEU A 104 10.39 2.58 3.04
CA LEU A 104 9.65 2.64 1.79
C LEU A 104 10.62 2.59 0.62
N ILE A 105 10.29 1.77 -0.38
CA ILE A 105 11.04 1.67 -1.62
C ILE A 105 10.06 1.88 -2.77
N LEU A 106 10.44 2.70 -3.74
CA LEU A 106 9.58 3.03 -4.88
C LEU A 106 10.38 2.90 -6.17
N VAL A 107 10.01 1.93 -7.00
CA VAL A 107 10.58 1.79 -8.33
C VAL A 107 9.68 2.57 -9.28
N TRP A 108 10.19 3.70 -9.79
CA TRP A 108 9.38 4.53 -10.67
C TRP A 108 8.98 3.76 -11.93
N GLU A 109 9.95 3.08 -12.55
CA GLU A 109 9.69 2.26 -13.74
C GLU A 109 9.58 0.79 -13.35
N GLY A 110 8.44 0.46 -12.77
CA GLY A 110 8.22 -0.88 -12.24
C GLY A 110 7.83 -1.93 -13.27
N ILE A 111 6.81 -1.64 -14.07
CA ILE A 111 6.31 -2.58 -15.06
C ILE A 111 6.33 -1.90 -16.41
N PRO A 112 6.29 -2.67 -17.51
CA PRO A 112 6.24 -2.04 -18.84
C PRO A 112 5.02 -1.13 -18.98
N LEU A 113 5.24 0.03 -19.58
CA LEU A 113 4.19 1.04 -19.68
C LEU A 113 3.03 0.57 -20.55
N SER A 114 3.30 -0.25 -21.58
CA SER A 114 2.22 -0.78 -22.39
C SER A 114 1.36 -1.74 -21.59
N LEU A 115 1.97 -2.50 -20.68
CA LEU A 115 1.18 -3.35 -19.79
C LEU A 115 0.35 -2.51 -18.83
N ALA A 116 0.96 -1.45 -18.27
CA ALA A 116 0.22 -0.58 -17.35
C ALA A 116 -0.93 0.13 -18.05
N ASP A 117 -0.69 0.63 -19.28
CA ASP A 117 -1.77 1.19 -20.07
C ASP A 117 -2.87 0.17 -20.29
N LYS A 118 -2.47 -1.06 -20.62
CA LYS A 118 -3.44 -2.12 -20.92
C LYS A 118 -4.17 -2.57 -19.66
N LEU A 119 -3.45 -2.69 -18.54
CA LEU A 119 -4.08 -3.13 -17.31
C LEU A 119 -5.07 -2.10 -16.77
N TYR A 120 -4.78 -0.81 -16.98
CA TYR A 120 -5.67 0.23 -16.47
C TYR A 120 -7.07 0.09 -17.05
N SER A 121 -7.17 -0.04 -18.37
CA SER A 121 -8.48 -0.07 -19.00
C SER A 121 -9.19 -1.40 -18.77
N GLU A 122 -8.45 -2.53 -18.79
CA GLU A 122 -9.11 -3.82 -18.63
C GLU A 122 -9.65 -4.01 -17.22
N LEU A 123 -8.83 -3.70 -16.21
CA LEU A 123 -9.30 -3.86 -14.84
C LEU A 123 -10.46 -2.91 -14.54
N THR A 124 -10.40 -1.68 -15.05
CA THR A 124 -11.50 -0.74 -14.84
C THR A 124 -12.79 -1.29 -15.43
N GLU A 125 -12.75 -1.70 -16.69
CA GLU A 125 -13.97 -2.14 -17.36
C GLU A 125 -14.51 -3.42 -16.74
N THR A 126 -13.62 -4.34 -16.34
CA THR A 126 -14.07 -5.55 -15.67
C THR A 126 -14.68 -5.23 -14.31
N LEU A 127 -13.95 -4.47 -13.48
CA LEU A 127 -14.38 -4.26 -12.10
C LEU A 127 -15.58 -3.32 -12.01
N ARG A 128 -15.69 -2.34 -12.90
CA ARG A 128 -16.84 -1.44 -12.87
C ARG A 128 -18.14 -2.16 -13.17
N LYS A 129 -18.08 -3.29 -13.87
CA LYS A 129 -19.26 -4.01 -14.32
C LYS A 129 -19.59 -5.21 -13.46
N TYR A 130 -18.62 -6.12 -13.26
CA TYR A 130 -18.85 -7.36 -12.53
C TYR A 130 -18.21 -7.38 -11.14
N GLY A 131 -17.53 -6.31 -10.73
CA GLY A 131 -16.78 -6.36 -9.49
C GLY A 131 -17.70 -6.34 -8.28
N THR A 132 -17.38 -7.18 -7.29
CA THR A 132 -18.09 -7.19 -6.03
C THR A 132 -17.26 -6.41 -5.00
N LEU A 133 -17.89 -5.44 -4.35
CA LEU A 133 -17.18 -4.50 -3.50
C LEU A 133 -16.87 -5.13 -2.15
N THR A 134 -15.67 -4.86 -1.64
CA THR A 134 -15.23 -5.34 -0.34
C THR A 134 -15.21 -4.15 0.62
N ASN A 135 -16.06 -4.19 1.64
CA ASN A 135 -16.16 -3.12 2.61
C ASN A 135 -15.09 -3.28 3.68
N ARG A 136 -14.19 -2.31 3.78
CA ARG A 136 -13.09 -2.34 4.73
C ARG A 136 -13.23 -1.21 5.74
N ARG A 137 -12.50 -1.34 6.85
CA ARG A 137 -12.55 -0.34 7.91
C ARG A 137 -11.97 0.99 7.45
N CYS A 138 -10.92 0.96 6.62
CA CYS A 138 -10.29 2.19 6.19
C CYS A 138 -11.10 2.94 5.14
N ALA A 139 -12.26 2.41 4.74
CA ALA A 139 -13.11 3.10 3.78
C ALA A 139 -13.72 4.39 4.33
N LEU A 140 -13.79 4.53 5.65
CA LEU A 140 -14.40 5.70 6.27
C LEU A 140 -13.50 6.24 7.35
N ASN A 141 -13.74 7.50 7.74
CA ASN A 141 -13.05 8.08 8.87
C ASN A 141 -13.56 7.46 10.17
N GLU A 142 -13.06 7.95 11.31
CA GLU A 142 -13.34 7.29 12.58
C GLU A 142 -14.80 7.47 12.99
N GLU A 143 -15.42 8.61 12.65
CA GLU A 143 -16.83 8.82 12.96
C GLU A 143 -17.77 8.15 11.96
N ARG A 144 -17.23 7.49 10.93
CA ARG A 144 -18.01 6.66 10.01
C ARG A 144 -19.03 7.48 9.22
N THR A 145 -18.75 8.77 9.01
CA THR A 145 -19.68 9.65 8.33
C THR A 145 -19.10 10.38 7.13
N CYS A 146 -17.83 10.19 6.80
CA CYS A 146 -17.26 10.92 5.70
C CYS A 146 -17.83 10.43 4.37
N ALA A 147 -17.37 11.08 3.30
CA ALA A 147 -17.88 10.87 1.95
C ALA A 147 -16.75 11.00 0.94
N CYS A 148 -15.53 10.66 1.40
CA CYS A 148 -14.33 10.77 0.58
C CYS A 148 -14.35 9.83 -0.62
N GLN A 149 -15.12 8.75 -0.56
CA GLN A 149 -15.24 7.87 -1.72
C GLN A 149 -16.24 8.38 -2.74
N GLY A 150 -17.07 9.35 -2.37
CA GLY A 150 -18.17 9.78 -3.20
C GLY A 150 -19.48 9.15 -2.74
N LEU A 151 -20.58 9.85 -2.97
CA LEU A 151 -21.88 9.39 -2.50
C LEU A 151 -22.70 8.70 -3.59
N ASP A 152 -22.24 8.70 -4.83
CA ASP A 152 -22.93 7.99 -5.91
C ASP A 152 -22.51 6.53 -5.89
N PRO A 153 -23.42 5.61 -5.57
CA PRO A 153 -23.03 4.19 -5.45
C PRO A 153 -22.53 3.58 -6.74
N GLU A 154 -22.88 4.17 -7.90
CA GLU A 154 -22.40 3.64 -9.17
C GLU A 154 -20.99 4.10 -9.50
N THR A 155 -20.56 5.25 -8.97
CA THR A 155 -19.27 5.83 -9.34
C THR A 155 -18.28 5.89 -8.20
N CYS A 156 -18.73 5.74 -6.95
CA CYS A 156 -17.86 5.97 -5.80
C CYS A 156 -16.66 5.03 -5.82
N GLY A 157 -15.54 5.52 -5.26
CA GLY A 157 -14.36 4.69 -5.17
C GLY A 157 -14.60 3.46 -4.33
N ALA A 158 -13.82 2.41 -4.60
CA ALA A 158 -14.10 1.12 -3.99
C ALA A 158 -12.85 0.27 -3.94
N SER A 159 -12.88 -0.73 -3.06
CA SER A 159 -11.83 -1.74 -2.93
C SER A 159 -12.36 -3.09 -3.36
N PHE A 160 -11.58 -3.80 -4.17
CA PHE A 160 -11.92 -5.14 -4.61
C PHE A 160 -10.77 -6.07 -4.26
N SER A 161 -11.03 -7.03 -3.39
CA SER A 161 -10.00 -7.95 -2.93
C SER A 161 -10.18 -9.31 -3.59
N PHE A 162 -9.05 -9.96 -3.90
CA PHE A 162 -9.04 -11.26 -4.53
C PHE A 162 -7.97 -12.11 -3.86
N GLY A 163 -7.79 -13.32 -4.39
CA GLY A 163 -6.85 -14.25 -3.79
C GLY A 163 -7.40 -14.87 -2.52
N CYS A 164 -6.49 -15.23 -1.63
CA CYS A 164 -6.85 -15.79 -0.32
C CYS A 164 -6.70 -14.74 0.77
N SER A 165 -7.44 -14.92 1.85
CA SER A 165 -7.40 -14.01 2.98
C SER A 165 -7.46 -14.80 4.28
N TRP A 166 -6.89 -14.23 5.33
CA TRP A 166 -6.96 -14.85 6.66
C TRP A 166 -8.35 -14.67 7.23
N SER A 167 -8.80 -15.67 7.99
CA SER A 167 -10.13 -15.65 8.59
C SER A 167 -10.03 -16.05 10.06
N MET A 168 -10.63 -15.22 10.93
CA MET A 168 -10.62 -15.53 12.36
C MET A 168 -11.40 -16.78 12.70
N TYR A 169 -12.35 -17.17 11.85
CA TYR A 169 -13.18 -18.34 12.15
C TYR A 169 -12.40 -19.63 11.97
N TYR A 170 -11.38 -19.63 11.11
CA TYR A 170 -10.54 -20.79 10.89
C TYR A 170 -9.11 -20.60 11.40
N ASN A 171 -8.77 -19.39 11.86
CA ASN A 171 -7.38 -19.00 12.11
C ASN A 171 -6.52 -19.42 10.93
N GLY A 172 -7.05 -19.23 9.73
CA GLY A 172 -6.36 -19.61 8.52
C GLY A 172 -7.06 -19.02 7.32
N CYS A 173 -6.85 -19.64 6.18
CA CYS A 173 -7.44 -19.14 4.95
C CYS A 173 -8.96 -19.23 5.02
N LYS A 174 -9.62 -18.21 4.48
CA LYS A 174 -11.08 -18.18 4.47
C LYS A 174 -11.70 -19.26 3.59
N PHE A 175 -10.90 -19.93 2.75
CA PHE A 175 -11.39 -20.98 1.86
C PHE A 175 -11.29 -22.37 2.48
N ALA A 176 -11.36 -22.47 3.80
CA ALA A 176 -11.22 -23.78 4.44
C ALA A 176 -12.35 -24.72 4.09
N ARG A 177 -13.57 -24.20 3.90
CA ARG A 177 -14.72 -25.03 3.59
C ARG A 177 -15.17 -24.87 2.13
N SER A 178 -14.28 -24.38 1.26
CA SER A 178 -14.64 -24.06 -0.13
C SER A 178 -14.15 -25.17 -1.04
N LYS A 179 -15.09 -25.91 -1.63
CA LYS A 179 -14.77 -26.83 -2.71
C LYS A 179 -14.62 -26.02 -3.99
N ILE A 180 -13.41 -26.03 -4.56
CA ILE A 180 -13.08 -25.23 -5.73
C ILE A 180 -13.34 -23.75 -5.42
N PRO A 181 -12.47 -23.10 -4.66
CA PRO A 181 -12.70 -21.68 -4.34
C PRO A 181 -12.49 -20.79 -5.55
N ARG A 182 -13.20 -19.67 -5.56
CA ARG A 182 -13.11 -18.68 -6.64
C ARG A 182 -12.28 -17.51 -6.12
N LYS A 183 -10.98 -17.52 -6.43
CA LYS A 183 -10.09 -16.49 -5.94
C LYS A 183 -10.38 -15.13 -6.56
N PHE A 184 -10.97 -15.12 -7.76
CA PHE A 184 -11.26 -13.88 -8.45
C PHE A 184 -12.74 -13.80 -8.76
N LYS A 185 -13.58 -13.95 -7.74
CA LYS A 185 -15.02 -14.00 -7.91
C LYS A 185 -15.55 -12.65 -8.38
N LEU A 186 -16.40 -12.69 -9.41
CA LEU A 186 -17.12 -11.53 -9.91
C LEU A 186 -18.61 -11.77 -9.73
N LEU A 187 -19.40 -10.71 -9.95
CA LEU A 187 -20.84 -10.79 -9.75
C LEU A 187 -21.44 -11.88 -10.64
N GLY A 188 -22.35 -12.66 -10.06
CA GLY A 188 -22.98 -13.75 -10.79
C GLY A 188 -22.08 -14.97 -10.88
N ASP A 189 -22.15 -15.66 -12.01
CA ASP A 189 -21.33 -16.84 -12.29
C ASP A 189 -20.90 -16.76 -13.76
N ASP A 190 -19.84 -15.99 -14.02
CA ASP A 190 -19.30 -15.78 -15.35
C ASP A 190 -17.86 -16.29 -15.35
N PRO A 191 -17.65 -17.59 -15.58
CA PRO A 191 -16.28 -18.14 -15.52
C PRO A 191 -15.34 -17.51 -16.54
N LYS A 192 -15.84 -17.17 -17.73
CA LYS A 192 -14.98 -16.58 -18.75
C LYS A 192 -14.42 -15.25 -18.29
N GLU A 193 -15.27 -14.39 -17.74
CA GLU A 193 -14.80 -13.07 -17.32
C GLU A 193 -13.88 -13.17 -16.11
N GLU A 194 -14.14 -14.11 -15.21
CA GLU A 194 -13.26 -14.29 -14.06
C GLU A 194 -11.91 -14.83 -14.50
N GLU A 195 -11.89 -15.69 -15.52
CA GLU A 195 -10.63 -16.22 -16.02
C GLU A 195 -9.75 -15.11 -16.58
N LYS A 196 -10.34 -14.19 -17.35
CA LYS A 196 -9.58 -13.05 -17.85
C LYS A 196 -9.00 -12.23 -16.72
N LEU A 197 -9.83 -11.89 -15.72
CA LEU A 197 -9.32 -11.14 -14.58
C LEU A 197 -8.24 -11.94 -13.85
N GLU A 198 -8.45 -13.24 -13.68
CA GLU A 198 -7.44 -14.08 -13.04
C GLU A 198 -6.11 -14.00 -13.78
N SER A 199 -6.15 -14.14 -15.11
CA SER A 199 -4.91 -14.17 -15.89
C SER A 199 -4.15 -12.86 -15.76
N HIS A 200 -4.87 -11.73 -15.75
CA HIS A 200 -4.21 -10.44 -15.59
C HIS A 200 -3.48 -10.34 -14.26
N LEU A 201 -4.17 -10.66 -13.17
CA LEU A 201 -3.55 -10.51 -11.85
C LEU A 201 -2.53 -11.60 -11.57
N GLN A 202 -2.70 -12.79 -12.14
CA GLN A 202 -1.71 -13.85 -11.99
C GLN A 202 -0.44 -13.52 -12.77
N ASN A 203 -0.58 -12.96 -13.97
CA ASN A 203 0.59 -12.55 -14.73
C ASN A 203 1.33 -11.42 -14.02
N LEU A 204 0.59 -10.51 -13.40
CA LEU A 204 1.23 -9.39 -12.70
C LEU A 204 1.93 -9.85 -11.43
N SER A 205 1.30 -10.76 -10.67
CA SER A 205 1.97 -11.35 -9.53
C SER A 205 3.26 -12.05 -9.95
N THR A 206 3.21 -12.73 -11.10
CA THR A 206 4.41 -13.41 -11.61
C THR A 206 5.49 -12.40 -11.98
N LEU A 207 5.11 -11.28 -12.61
CA LEU A 207 6.09 -10.30 -13.04
C LEU A 207 6.70 -9.56 -11.86
N MET A 208 5.90 -9.24 -10.85
CA MET A 208 6.39 -8.44 -9.73
C MET A 208 7.21 -9.24 -8.73
N ALA A 209 7.10 -10.58 -8.74
CA ALA A 209 7.82 -11.38 -7.77
C ALA A 209 9.33 -11.19 -7.85
N PRO A 210 9.98 -11.27 -9.02
CA PRO A 210 11.45 -11.06 -9.05
C PRO A 210 11.87 -9.66 -8.64
N THR A 211 11.05 -8.65 -8.88
CA THR A 211 11.38 -7.30 -8.43
C THR A 211 11.36 -7.22 -6.90
N TYR A 212 10.37 -7.87 -6.27
CA TYR A 212 10.35 -7.97 -4.81
C TYR A 212 11.65 -8.59 -4.31
N LYS A 213 12.05 -9.73 -4.89
CA LYS A 213 13.25 -10.41 -4.43
C LYS A 213 14.49 -9.56 -4.63
N LYS A 214 14.54 -8.78 -5.70
CA LYS A 214 15.73 -8.00 -6.01
C LYS A 214 15.94 -6.87 -5.01
N LEU A 215 14.88 -6.16 -4.64
CA LEU A 215 15.02 -4.93 -3.88
C LEU A 215 14.70 -5.08 -2.40
N ALA A 216 13.97 -6.13 -2.01
CA ALA A 216 13.72 -6.43 -0.60
C ALA A 216 13.86 -7.92 -0.39
N PRO A 217 15.10 -8.44 -0.52
CA PRO A 217 15.27 -9.91 -0.48
C PRO A 217 14.87 -10.54 0.84
N ASP A 218 15.13 -9.86 1.96
CA ASP A 218 14.83 -10.44 3.27
C ASP A 218 13.32 -10.61 3.47
N ALA A 219 12.55 -9.57 3.16
CA ALA A 219 11.09 -9.66 3.29
C ALA A 219 10.51 -10.65 2.28
N TYR A 220 10.99 -10.60 1.04
CA TYR A 220 10.56 -11.56 0.03
C TYR A 220 10.85 -13.00 0.49
N ASN A 221 12.06 -13.23 1.01
CA ASN A 221 12.43 -14.56 1.48
C ASN A 221 11.49 -15.04 2.58
N ASN A 222 11.01 -14.14 3.43
CA ASN A 222 10.07 -14.54 4.47
C ASN A 222 8.74 -14.99 3.89
N GLN A 223 8.31 -14.38 2.78
CA GLN A 223 7.01 -14.73 2.21
C GLN A 223 7.04 -15.99 1.35
N ILE A 224 8.22 -16.45 0.95
CA ILE A 224 8.34 -17.67 0.15
C ILE A 224 8.75 -18.87 0.99
N GLU A 225 8.77 -18.73 2.33
CA GLU A 225 9.25 -19.81 3.18
C GLU A 225 8.38 -21.05 3.06
N TYR A 226 7.06 -20.88 3.11
CA TYR A 226 6.13 -22.01 3.08
C TYR A 226 5.45 -22.14 1.72
N GLU A 227 6.12 -21.73 0.64
CA GLU A 227 5.53 -21.78 -0.69
C GLU A 227 5.18 -23.20 -1.11
N HIS A 228 6.03 -24.17 -0.77
CA HIS A 228 5.80 -25.55 -1.15
C HIS A 228 4.87 -26.29 -0.21
N ARG A 229 4.55 -25.72 0.95
CA ARG A 229 3.62 -26.35 1.88
CA ARG A 229 3.61 -26.34 1.88
C ARG A 229 2.17 -25.91 1.61
N ALA A 230 1.97 -24.66 1.22
CA ALA A 230 0.63 -24.13 0.95
C ALA A 230 0.61 -23.41 -0.39
N PRO A 231 0.75 -24.13 -1.50
CA PRO A 231 0.73 -23.47 -2.81
C PRO A 231 -0.66 -23.03 -3.25
N GLU A 232 -1.73 -23.64 -2.72
CA GLU A 232 -3.08 -23.23 -3.09
C GLU A 232 -3.42 -21.85 -2.54
N CYS A 233 -2.70 -21.40 -1.51
CA CYS A 233 -2.86 -20.08 -0.91
C CYS A 233 -1.84 -19.09 -1.43
N ARG A 234 -1.28 -19.32 -2.62
CA ARG A 234 -0.30 -18.42 -3.20
C ARG A 234 -0.69 -18.04 -4.62
N LEU A 235 -0.31 -16.84 -5.03
CA LEU A 235 -0.50 -16.37 -6.39
C LEU A 235 0.79 -16.53 -7.18
N GLY A 236 0.67 -16.40 -8.49
CA GLY A 236 1.84 -16.49 -9.34
C GLY A 236 1.88 -17.81 -10.10
N LEU A 237 2.58 -17.79 -11.23
CA LEU A 237 2.63 -18.95 -12.13
C LEU A 237 4.04 -19.50 -12.28
N LYS A 238 5.00 -19.04 -11.49
CA LYS A 238 6.38 -19.49 -11.58
C LYS A 238 6.92 -19.67 -10.16
N GLU A 239 8.02 -20.42 -10.06
CA GLU A 239 8.66 -20.67 -8.77
C GLU A 239 9.01 -19.36 -8.08
N GLY A 240 8.68 -19.26 -6.80
CA GLY A 240 8.84 -18.02 -6.07
C GLY A 240 7.56 -17.23 -6.02
N ARG A 241 6.67 -17.60 -5.09
CA ARG A 241 5.31 -17.07 -5.03
C ARG A 241 5.08 -16.40 -3.69
N PRO A 242 5.53 -15.15 -3.53
CA PRO A 242 5.43 -14.50 -2.21
C PRO A 242 4.05 -13.96 -1.88
N PHE A 243 3.15 -13.80 -2.85
CA PHE A 243 1.86 -13.19 -2.63
C PHE A 243 0.78 -14.25 -2.43
N SER A 244 -0.18 -13.95 -1.55
CA SER A 244 -1.36 -14.77 -1.36
C SER A 244 -2.66 -14.07 -1.72
N GLY A 245 -2.75 -12.75 -1.52
CA GLY A 245 -3.93 -12.01 -1.87
C GLY A 245 -3.57 -10.71 -2.57
N VAL A 246 -4.52 -10.19 -3.33
CA VAL A 246 -4.35 -8.93 -4.05
C VAL A 246 -5.64 -8.13 -3.96
N THR A 247 -5.51 -6.83 -3.73
CA THR A 247 -6.64 -5.92 -3.67
C THR A 247 -6.47 -4.82 -4.72
N ALA A 248 -7.54 -4.53 -5.44
CA ALA A 248 -7.57 -3.46 -6.42
C ALA A 248 -8.33 -2.27 -5.83
N CYS A 249 -7.70 -1.10 -5.83
CA CYS A 249 -8.28 0.12 -5.27
C CYS A 249 -8.51 1.12 -6.41
N LEU A 250 -9.78 1.40 -6.70
CA LEU A 250 -10.19 2.30 -7.78
C LEU A 250 -10.70 3.59 -7.15
N ASP A 251 -9.88 4.65 -7.22
CA ASP A 251 -10.21 5.95 -6.64
C ASP A 251 -10.63 5.81 -5.17
N PHE A 252 -9.99 4.88 -4.47
CA PHE A 252 -10.36 4.53 -3.11
C PHE A 252 -9.51 5.32 -2.13
N CYS A 253 -10.16 6.09 -1.26
CA CYS A 253 -9.48 6.87 -0.24
C CYS A 253 -9.30 5.98 0.99
N ALA A 254 -8.10 5.42 1.14
CA ALA A 254 -7.80 4.58 2.29
C ALA A 254 -7.43 5.48 3.46
N HIS A 255 -8.29 5.55 4.47
CA HIS A 255 -8.01 6.36 5.64
C HIS A 255 -6.89 5.72 6.46
N ALA A 256 -6.27 6.54 7.32
CA ALA A 256 -5.11 6.12 8.10
C ALA A 256 -5.35 4.77 8.77
N HIS A 257 -4.49 3.80 8.45
CA HIS A 257 -4.69 2.44 8.91
C HIS A 257 -3.37 1.67 8.79
N ARG A 258 -3.34 0.53 9.45
CA ARG A 258 -2.34 -0.50 9.23
C ARG A 258 -3.04 -1.76 8.77
N ASP A 259 -2.36 -2.54 7.93
CA ASP A 259 -2.92 -3.79 7.41
C ASP A 259 -2.60 -4.89 8.41
N LEU A 260 -3.48 -5.03 9.40
CA LEU A 260 -3.21 -5.86 10.58
C LEU A 260 -3.26 -7.36 10.30
N HIS A 261 -3.84 -7.78 9.18
CA HIS A 261 -3.90 -9.20 8.82
C HIS A 261 -2.62 -9.70 8.16
N ASN A 262 -1.79 -8.80 7.65
CA ASN A 262 -0.59 -9.21 6.92
C ASN A 262 0.35 -9.99 7.83
N MET A 263 1.17 -10.85 7.21
CA MET A 263 2.11 -11.64 8.00
C MET A 263 3.22 -10.75 8.55
N GLN A 264 3.57 -10.98 9.82
CA GLN A 264 4.66 -10.24 10.42
C GLN A 264 5.97 -10.53 9.69
N ASN A 265 6.81 -9.51 9.60
CA ASN A 265 8.07 -9.54 8.85
C ASN A 265 7.86 -9.70 7.35
N GLY A 266 6.68 -9.31 6.85
CA GLY A 266 6.42 -9.23 5.43
C GLY A 266 6.38 -7.79 4.95
N SER A 267 5.92 -7.63 3.71
CA SER A 267 5.76 -6.30 3.15
C SER A 267 4.65 -6.32 2.12
N THR A 268 4.25 -5.13 1.70
CA THR A 268 3.19 -4.92 0.74
C THR A 268 3.77 -4.26 -0.50
N LEU A 269 3.39 -4.77 -1.68
CA LEU A 269 3.81 -4.20 -2.94
C LEU A 269 2.59 -3.62 -3.65
N VAL A 270 2.69 -2.35 -4.04
CA VAL A 270 1.60 -1.61 -4.65
C VAL A 270 2.03 -1.17 -6.04
N CYS A 271 1.33 -1.67 -7.05
CA CYS A 271 1.51 -1.24 -8.42
C CYS A 271 0.46 -0.19 -8.75
N THR A 272 0.91 0.97 -9.24
CA THR A 272 0.03 2.11 -9.49
C THR A 272 -0.25 2.24 -10.99
N LEU A 273 -1.53 2.40 -11.32
CA LEU A 273 -1.97 2.74 -12.66
C LEU A 273 -2.78 4.03 -12.59
N THR A 274 -2.55 4.94 -13.53
CA THR A 274 -3.13 6.28 -13.46
C THR A 274 -3.97 6.56 -14.70
N ARG A 275 -4.87 7.52 -14.55
CA ARG A 275 -5.70 7.99 -15.64
C ARG A 275 -4.81 8.52 -16.78
N GLU A 276 -5.37 8.53 -17.99
CA GLU A 276 -4.60 8.85 -19.18
C GLU A 276 -4.06 10.27 -19.17
N ASP A 277 -4.61 11.16 -18.34
CA ASP A 277 -4.14 12.53 -18.27
C ASP A 277 -2.94 12.70 -17.34
N ASN A 278 -2.43 11.61 -16.78
CA ASN A 278 -1.35 11.67 -15.80
C ASN A 278 -0.32 10.57 -16.13
N ARG A 279 0.20 10.61 -17.35
CA ARG A 279 1.12 9.57 -17.80
C ARG A 279 2.41 10.12 -18.40
N GLU A 280 2.66 11.43 -18.26
CA GLU A 280 3.91 12.03 -18.69
CA GLU A 280 3.91 12.05 -18.69
C GLU A 280 4.60 12.65 -17.48
N PHE A 281 5.94 12.74 -17.55
CA PHE A 281 6.70 13.27 -16.43
C PHE A 281 6.45 14.77 -16.25
N GLY A 282 6.59 15.54 -17.33
CA GLY A 282 6.39 16.97 -17.26
C GLY A 282 4.97 17.41 -17.53
N GLY A 283 4.02 16.96 -16.71
CA GLY A 283 2.63 17.28 -16.91
C GLY A 283 1.94 17.63 -15.61
N LYS A 284 0.86 18.38 -15.73
CA LYS A 284 0.04 18.80 -14.58
C LYS A 284 -1.34 18.19 -14.72
N PRO A 285 -1.62 17.08 -14.06
CA PRO A 285 -2.94 16.44 -14.21
C PRO A 285 -4.02 17.23 -13.49
N GLU A 286 -5.27 16.95 -13.90
CA GLU A 286 -6.41 17.62 -13.29
C GLU A 286 -6.61 17.19 -11.83
N ASP A 287 -6.35 15.93 -11.54
CA ASP A 287 -6.42 15.42 -10.17
C ASP A 287 -5.35 14.35 -10.01
N GLU A 288 -5.14 13.93 -8.76
CA GLU A 288 -4.02 13.06 -8.44
C GLU A 288 -4.19 12.52 -7.03
N GLN A 289 -3.96 11.22 -6.86
CA GLN A 289 -4.02 10.58 -5.56
C GLN A 289 -2.61 10.31 -5.05
N LEU A 290 -2.39 10.58 -3.76
CA LEU A 290 -1.10 10.41 -3.12
C LEU A 290 -1.13 9.28 -2.10
N HIS A 291 0.04 8.73 -1.81
CA HIS A 291 0.24 7.74 -0.76
C HIS A 291 0.99 8.42 0.38
N VAL A 292 0.41 8.41 1.58
CA VAL A 292 0.82 9.27 2.68
C VAL A 292 1.27 8.45 3.88
N LEU A 293 2.36 8.88 4.52
CA LEU A 293 2.78 8.38 5.81
C LEU A 293 2.42 9.44 6.86
N PRO A 294 1.29 9.30 7.56
CA PRO A 294 0.80 10.42 8.40
C PRO A 294 1.62 10.68 9.65
N LEU A 295 2.53 9.79 10.04
CA LEU A 295 3.28 9.95 11.28
C LEU A 295 4.70 10.44 11.05
N TYR A 296 4.99 11.04 9.89
CA TYR A 296 6.34 11.42 9.52
C TYR A 296 6.38 12.86 9.02
N LYS A 297 7.46 13.55 9.34
CA LYS A 297 7.81 14.80 8.69
C LYS A 297 9.10 14.61 7.90
N VAL A 298 9.37 15.55 7.00
CA VAL A 298 10.59 15.49 6.20
C VAL A 298 11.75 16.07 7.00
N SER A 299 12.96 15.65 6.63
CA SER A 299 14.15 16.19 7.27
C SER A 299 14.43 17.60 6.76
N ASP A 300 15.18 18.35 7.56
CA ASP A 300 15.71 19.63 7.13
C ASP A 300 16.97 19.47 6.28
N VAL A 301 17.29 18.24 5.88
CA VAL A 301 18.56 17.94 5.27
C VAL A 301 18.35 16.80 4.28
N ASP A 302 19.28 16.67 3.33
CA ASP A 302 19.15 15.69 2.25
C ASP A 302 19.87 14.40 2.64
N GLU A 303 19.95 13.46 1.69
CA GLU A 303 20.60 12.18 1.95
C GLU A 303 22.01 12.37 2.46
N PHE A 304 22.77 13.26 1.84
CA PHE A 304 24.19 13.43 2.12
C PHE A 304 24.46 14.44 3.23
N GLY A 305 23.42 14.92 3.92
CA GLY A 305 23.62 15.83 5.01
C GLY A 305 23.80 17.28 4.63
N SER A 306 23.22 17.72 3.52
CA SER A 306 23.33 19.10 3.07
C SER A 306 21.98 19.79 3.22
N VAL A 307 21.98 20.94 3.90
CA VAL A 307 20.76 21.74 4.04
C VAL A 307 20.38 22.35 2.70
N GLU A 308 21.37 22.83 1.94
CA GLU A 308 21.08 23.50 0.68
C GLU A 308 20.50 22.54 -0.34
N ALA A 309 20.98 21.29 -0.35
CA ALA A 309 20.41 20.30 -1.27
C ALA A 309 18.94 20.04 -0.95
N GLN A 310 18.58 20.07 0.34
CA GLN A 310 17.18 19.91 0.73
C GLN A 310 16.37 21.14 0.34
N GLU A 311 16.92 22.33 0.56
CA GLU A 311 16.22 23.55 0.16
C GLU A 311 16.09 23.66 -1.35
N GLU A 312 17.08 23.14 -2.09
CA GLU A 312 16.99 23.14 -3.54
C GLU A 312 15.89 22.19 -4.02
N LYS A 313 15.72 21.05 -3.36
CA LYS A 313 14.65 20.13 -3.74
C LYS A 313 13.27 20.72 -3.48
N LYS A 314 13.13 21.55 -2.44
CA LYS A 314 11.84 22.16 -2.15
C LYS A 314 11.45 23.18 -3.21
N ARG A 315 12.39 24.02 -3.63
CA ARG A 315 12.11 24.99 -4.68
C ARG A 315 12.03 24.36 -6.07
N SER A 316 12.61 23.18 -6.25
CA SER A 316 12.52 22.52 -7.54
C SER A 316 11.20 21.78 -7.72
N GLY A 317 10.55 21.39 -6.62
CA GLY A 317 9.36 20.58 -6.67
C GLY A 317 9.56 19.14 -6.30
N ALA A 318 10.81 18.67 -6.23
CA ALA A 318 11.08 17.28 -5.83
C ALA A 318 10.58 17.00 -4.42
N ILE A 319 10.44 18.03 -3.60
CA ILE A 319 9.76 17.95 -2.31
C ILE A 319 8.78 19.11 -2.29
N GLN A 320 7.50 18.82 -2.53
CA GLN A 320 6.49 19.87 -2.58
C GLN A 320 6.02 20.20 -1.17
N VAL A 321 6.24 21.44 -0.76
CA VAL A 321 5.83 21.91 0.57
C VAL A 321 4.41 22.46 0.44
N LEU A 322 3.43 21.68 0.86
CA LEU A 322 2.03 22.07 0.78
C LEU A 322 1.69 23.07 1.88
N SER A 323 0.56 23.74 1.71
CA SER A 323 0.02 24.66 2.69
C SER A 323 -1.41 24.25 3.02
N SER A 324 -1.97 24.88 4.04
CA SER A 324 -3.30 24.51 4.52
C SER A 324 -4.36 24.78 3.45
N PHE A 325 -5.49 24.08 3.59
CA PHE A 325 -6.61 24.24 2.69
C PHE A 325 -7.91 24.21 3.48
N ARG A 326 -8.94 24.84 2.93
CA ARG A 326 -10.29 24.77 3.47
C ARG A 326 -11.24 24.52 2.30
N ARG A 327 -11.76 23.30 2.21
CA ARG A 327 -12.64 22.91 1.12
C ARG A 327 -13.99 22.46 1.66
N LYS A 328 -15.01 22.58 0.82
CA LYS A 328 -16.34 22.10 1.16
C LYS A 328 -16.44 20.60 0.88
N VAL A 329 -16.91 19.84 1.87
CA VAL A 329 -17.06 18.40 1.75
C VAL A 329 -18.43 18.00 2.26
N ARG A 330 -18.79 16.75 2.03
CA ARG A 330 -20.07 16.20 2.45
C ARG A 330 -19.89 15.28 3.65
N MET A 331 -20.87 15.31 4.56
CA MET A 331 -20.87 14.48 5.75
C MET A 331 -22.23 13.80 5.86
N LEU A 332 -22.20 12.48 6.05
CA LEU A 332 -23.44 11.72 6.14
C LEU A 332 -24.20 12.08 7.42
N ALA A 333 -25.52 12.16 7.31
CA ALA A 333 -26.36 12.41 8.47
C ALA A 333 -26.52 11.20 9.37
N GLU A 334 -26.00 10.04 8.96
CA GLU A 334 -26.14 8.81 9.71
C GLU A 334 -24.95 7.91 9.44
N PRO A 335 -24.25 7.45 10.49
CA PRO A 335 -23.04 6.65 10.26
C PRO A 335 -23.36 5.31 9.60
N VAL A 336 -22.37 4.78 8.89
CA VAL A 336 -22.49 3.49 8.22
C VAL A 336 -22.40 2.38 9.26
N LYS A 337 -23.36 1.46 9.24
CA LYS A 337 -23.44 0.44 10.27
C LYS A 337 -22.33 -0.60 10.11
N THR A 338 -21.78 -1.03 11.24
CA THR A 338 -20.74 -2.05 11.32
C THR A 338 -21.07 -3.30 10.51
N CYS A 339 -22.06 -4.05 10.98
CA CYS A 339 -22.35 -5.38 10.45
C CYS A 339 -23.84 -5.58 10.28
N ARG A 340 -24.61 -4.48 10.30
CA ARG A 340 -26.07 -4.51 10.28
C ARG A 340 -26.61 -5.33 11.46
N GLY A 369 -29.43 10.75 4.43
CA GLY A 369 -29.05 11.96 3.72
C GLY A 369 -27.62 12.40 4.01
N SER A 370 -27.31 13.64 3.66
CA SER A 370 -25.99 14.20 3.90
C SER A 370 -26.09 15.72 3.86
N ASP A 371 -25.03 16.37 4.35
CA ASP A 371 -24.97 17.82 4.42
C ASP A 371 -23.55 18.28 4.09
N GLU A 372 -23.45 19.46 3.50
CA GLU A 372 -22.15 20.04 3.21
C GLU A 372 -21.52 20.58 4.48
N VAL A 373 -20.20 20.44 4.59
CA VAL A 373 -19.46 20.91 5.75
C VAL A 373 -18.07 21.34 5.30
N TRP A 374 -17.50 22.29 6.03
CA TRP A 374 -16.13 22.73 5.75
C TRP A 374 -15.13 21.76 6.37
N SER A 375 -14.15 21.35 5.58
CA SER A 375 -13.07 20.48 6.05
C SER A 375 -11.76 21.28 5.97
N ASP A 376 -11.17 21.53 7.13
CA ASP A 376 -9.99 22.36 7.22
C ASP A 376 -8.74 21.52 7.44
N SER A 377 -7.58 22.14 7.19
CA SER A 377 -6.29 21.50 7.41
C SER A 377 -5.32 22.41 8.15
N GLU A 378 -5.77 23.59 8.58
CA GLU A 378 -4.87 24.58 9.18
C GLU A 378 -4.20 24.02 10.43
N GLN A 379 -4.94 23.27 11.24
CA GLN A 379 -4.40 22.79 12.51
C GLN A 379 -3.17 21.90 12.30
N SER A 380 -3.21 21.02 11.30
CA SER A 380 -2.08 20.11 11.09
C SER A 380 -0.87 20.83 10.51
N PHE A 381 -1.08 21.93 9.81
CA PHE A 381 0.03 22.69 9.24
C PHE A 381 0.65 23.65 10.25
N LEU A 382 -0.09 24.09 11.26
CA LEU A 382 0.49 24.99 12.25
C LEU A 382 1.46 24.25 13.18
N ASP A 383 1.26 22.95 13.40
CA ASP A 383 2.19 22.18 14.21
C ASP A 383 3.27 21.61 13.29
N PRO A 384 4.53 22.04 13.40
CA PRO A 384 5.57 21.49 12.51
C PRO A 384 5.81 20.00 12.70
N ASP A 385 5.46 19.45 13.85
CA ASP A 385 5.71 18.04 14.14
C ASP A 385 4.52 17.15 13.82
N ILE A 386 3.40 17.71 13.36
CA ILE A 386 2.32 16.86 12.84
C ILE A 386 2.74 16.34 11.47
N GLY A 387 2.65 15.02 11.30
CA GLY A 387 3.21 14.38 10.12
C GLY A 387 2.31 14.45 8.90
N GLY A 388 2.81 13.87 7.82
CA GLY A 388 2.09 13.83 6.56
C GLY A 388 3.01 13.83 5.36
N VAL A 389 3.97 12.92 5.34
CA VAL A 389 4.89 12.78 4.22
C VAL A 389 4.26 11.84 3.19
N ALA A 390 4.07 12.35 1.98
CA ALA A 390 3.46 11.58 0.91
C ALA A 390 4.45 11.38 -0.22
N VAL A 391 4.20 10.33 -1.02
CA VAL A 391 4.88 10.13 -2.28
C VAL A 391 3.83 10.22 -3.39
N ALA A 392 4.31 10.55 -4.59
CA ALA A 392 3.45 10.65 -5.76
C ALA A 392 3.74 9.48 -6.69
N PRO A 393 3.05 8.34 -6.54
CA PRO A 393 3.34 7.18 -7.39
C PRO A 393 2.90 7.43 -8.83
N THR A 394 3.74 7.02 -9.76
CA THR A 394 3.51 7.22 -11.19
C THR A 394 2.90 5.99 -11.83
N HIS A 395 2.43 6.17 -13.05
CA HIS A 395 1.88 5.07 -13.86
C HIS A 395 2.91 3.97 -14.01
N GLY A 396 2.54 2.76 -13.58
CA GLY A 396 3.43 1.62 -13.68
C GLY A 396 4.52 1.55 -12.63
N SER A 397 4.45 2.35 -11.57
CA SER A 397 5.46 2.29 -10.53
C SER A 397 5.12 1.17 -9.54
N ILE A 398 6.09 0.82 -8.71
CA ILE A 398 5.94 -0.23 -7.71
C ILE A 398 6.44 0.30 -6.38
N LEU A 399 5.58 0.27 -5.37
CA LEU A 399 5.88 0.78 -4.04
C LEU A 399 5.96 -0.37 -3.06
N ILE A 400 6.98 -0.37 -2.21
CA ILE A 400 7.19 -1.42 -1.21
C ILE A 400 7.20 -0.76 0.17
N GLU A 401 6.45 -1.34 1.10
CA GLU A 401 6.42 -0.85 2.48
C GLU A 401 5.84 -1.92 3.39
N CYS A 402 6.25 -1.89 4.65
CA CYS A 402 5.73 -2.83 5.64
C CYS A 402 4.42 -2.25 6.15
N ALA A 403 3.34 -2.53 5.41
CA ALA A 403 2.05 -1.92 5.70
C ALA A 403 1.43 -2.41 7.01
N LYS A 404 1.92 -3.49 7.60
CA LYS A 404 1.39 -3.92 8.88
C LYS A 404 1.86 -3.05 10.03
N ARG A 405 3.08 -2.52 9.95
CA ARG A 405 3.66 -1.72 11.03
C ARG A 405 3.48 -0.22 10.83
N GLU A 406 3.60 0.27 9.60
CA GLU A 406 3.58 1.70 9.34
C GLU A 406 2.17 2.17 9.03
N LEU A 407 1.73 3.21 9.74
CA LEU A 407 0.48 3.87 9.41
C LEU A 407 0.60 4.54 8.05
N HIS A 408 -0.41 4.34 7.19
CA HIS A 408 -0.36 4.88 5.83
C HIS A 408 -1.78 5.13 5.36
N ALA A 409 -1.89 5.89 4.27
CA ALA A 409 -3.19 6.32 3.77
C ALA A 409 -3.04 6.81 2.34
N THR A 410 -4.18 6.97 1.67
CA THR A 410 -4.24 7.58 0.34
C THR A 410 -5.24 8.74 0.37
N THR A 411 -4.90 9.80 -0.35
CA THR A 411 -5.70 11.02 -0.29
C THR A 411 -7.01 10.84 -1.06
N PRO A 412 -8.04 11.57 -0.69
CA PRO A 412 -9.30 11.50 -1.44
C PRO A 412 -9.24 12.28 -2.75
N LEU A 413 -9.95 11.76 -3.74
CA LEU A 413 -10.03 12.43 -5.04
C LEU A 413 -11.09 13.53 -5.00
N LYS A 414 -10.88 14.55 -5.83
CA LYS A 414 -11.88 15.63 -5.92
C LYS A 414 -13.21 15.10 -6.41
N ASN A 415 -13.19 14.21 -7.41
CA ASN A 415 -14.41 13.63 -7.96
C ASN A 415 -14.14 12.17 -8.25
N PRO A 416 -14.29 11.29 -7.26
CA PRO A 416 -13.98 9.87 -7.46
C PRO A 416 -14.92 9.26 -8.49
N ASN A 417 -14.37 8.36 -9.30
CA ASN A 417 -15.14 7.73 -10.37
C ASN A 417 -14.46 6.41 -10.73
N ARG A 418 -14.94 5.30 -10.16
CA ARG A 418 -14.32 4.02 -10.45
C ARG A 418 -14.58 3.55 -11.87
N ASN A 419 -15.50 4.18 -12.60
CA ASN A 419 -15.69 3.87 -14.01
C ASN A 419 -14.59 4.47 -14.89
N HIS A 420 -13.87 5.46 -14.38
CA HIS A 420 -12.73 6.09 -15.05
C HIS A 420 -11.83 6.71 -13.98
N PRO A 421 -11.14 5.90 -13.19
CA PRO A 421 -10.50 6.41 -11.98
C PRO A 421 -9.22 7.18 -12.25
N THR A 422 -8.95 8.11 -11.34
CA THR A 422 -7.68 8.84 -11.37
C THR A 422 -6.51 7.90 -11.09
N ARG A 423 -6.69 6.98 -10.15
CA ARG A 423 -5.61 6.06 -9.79
C ARG A 423 -6.18 4.68 -9.48
N ILE A 424 -5.53 3.66 -10.02
CA ILE A 424 -5.76 2.28 -9.63
C ILE A 424 -4.50 1.78 -8.94
N SER A 425 -4.65 1.28 -7.72
CA SER A 425 -3.55 0.64 -7.01
C SER A 425 -3.85 -0.84 -6.86
N LEU A 426 -2.87 -1.67 -7.14
CA LEU A 426 -2.95 -3.11 -6.98
C LEU A 426 -2.02 -3.48 -5.83
N VAL A 427 -2.61 -3.96 -4.74
CA VAL A 427 -1.92 -4.16 -3.46
C VAL A 427 -1.72 -5.65 -3.27
N PHE A 428 -0.46 -6.10 -3.31
CA PHE A 428 -0.10 -7.51 -3.17
C PHE A 428 0.45 -7.76 -1.79
N TYR A 429 -0.02 -8.83 -1.14
CA TYR A 429 0.31 -9.08 0.26
C TYR A 429 0.11 -10.56 0.56
N GLN A 430 0.65 -11.00 1.69
CA GLN A 430 0.38 -12.33 2.23
C GLN A 430 -0.05 -12.18 3.67
N HIS A 431 -1.20 -12.77 4.00
CA HIS A 431 -1.72 -12.66 5.35
C HIS A 431 -1.02 -13.66 6.28
N LYS A 432 -1.29 -13.51 7.57
CA LYS A 432 -0.74 -14.42 8.56
C LYS A 432 -1.48 -15.76 8.52
N SER A 433 -0.81 -16.79 9.03
CA SER A 433 -1.40 -18.13 9.18
C SER A 433 -2.00 -18.65 7.87
N MET A 434 -1.24 -18.48 6.79
CA MET A 434 -1.62 -18.96 5.46
C MET A 434 -0.68 -20.06 4.99
N ASN A 435 -0.21 -20.90 5.91
CA ASN A 435 0.80 -21.91 5.63
C ASN A 435 0.24 -23.32 5.69
N GLU A 436 -1.06 -23.48 5.44
CA GLU A 436 -1.61 -24.83 5.41
C GLU A 436 -2.02 -25.21 4.00
N PRO A 437 -1.76 -26.44 3.57
CA PRO A 437 -2.14 -26.86 2.21
C PRO A 437 -3.65 -26.91 2.05
N LYS A 438 -4.10 -26.71 0.81
CA LYS A 438 -5.52 -26.80 0.46
C LYS A 438 -6.37 -25.85 1.31
N HIS A 439 -5.85 -24.64 1.54
CA HIS A 439 -6.55 -23.60 2.29
C HIS A 439 -6.87 -24.04 3.72
N GLY A 440 -6.02 -24.90 4.30
CA GLY A 440 -6.26 -25.38 5.64
C GLY A 440 -7.48 -26.26 5.78
N LEU A 441 -7.83 -27.01 4.74
CA LEU A 441 -9.02 -27.86 4.80
C LEU A 441 -8.83 -29.01 5.77
N ALA A 442 -7.65 -29.63 5.77
CA ALA A 442 -7.43 -30.79 6.64
C ALA A 442 -7.50 -30.41 8.10
N LEU A 443 -6.98 -29.22 8.46
CA LEU A 443 -7.03 -28.79 9.85
C LEU A 443 -8.44 -28.43 10.30
N TRP A 444 -9.27 -27.92 9.38
CA TRP A 444 -10.63 -27.57 9.74
C TRP A 444 -11.46 -28.81 10.06
N GLU A 445 -11.49 -29.78 9.15
CA GLU A 445 -12.28 -30.98 9.39
C GLU A 445 -11.69 -31.84 10.50
N ALA A 446 -10.38 -31.72 10.78
CA ALA A 446 -9.83 -32.36 11.96
C ALA A 446 -10.29 -31.66 13.23
N LYS A 447 -10.48 -30.34 13.17
CA LYS A 447 -10.96 -29.61 14.34
C LYS A 447 -12.40 -29.99 14.67
N MET A 448 -13.27 -30.06 13.64
CA MET A 448 -14.65 -30.44 13.88
C MET A 448 -14.84 -31.94 14.02
N ALA A 449 -13.83 -32.75 13.65
CA ALA A 449 -13.87 -34.16 14.02
C ALA A 449 -13.68 -34.34 15.52
N GLU A 450 -12.96 -33.41 16.16
CA GLU A 450 -12.85 -33.41 17.62
C GLU A 450 -14.21 -33.17 18.27
N LYS A 451 -15.10 -32.43 17.60
CA LYS A 451 -16.44 -32.23 18.12
C LYS A 451 -17.24 -33.52 18.13
N ALA A 452 -17.02 -34.40 17.15
CA ALA A 452 -17.68 -35.70 17.15
C ALA A 452 -17.22 -36.54 18.33
N ARG A 453 -15.96 -36.40 18.74
CA ARG A 453 -15.50 -37.10 19.93
C ARG A 453 -16.12 -36.50 21.19
N GLU A 454 -16.25 -35.17 21.24
CA GLU A 454 -16.89 -34.54 22.39
C GLU A 454 -18.40 -34.77 22.40
N LYS A 455 -19.00 -34.97 21.22
CA LYS A 455 -20.44 -35.22 21.16
C LYS A 455 -20.80 -36.54 21.81
N GLU A 456 -20.10 -37.62 21.43
CA GLU A 456 -20.34 -38.93 22.01
C GLU A 456 -19.62 -39.00 23.36
N GLU A 457 -20.30 -38.49 24.38
CA GLU A 457 -19.75 -38.46 25.74
C GLU A 457 -20.86 -38.35 26.77
#